data_5WDN
#
_entry.id   5WDN
#
_cell.length_a   60.168
_cell.length_b   60.168
_cell.length_c   94.443
_cell.angle_alpha   90.000
_cell.angle_beta   90.000
_cell.angle_gamma   120.000
#
_symmetry.space_group_name_H-M   'P 32 2 1'
#
loop_
_entity.id
_entity.type
_entity.pdbx_description
1 polymer 'Polymerase acidic protein'
2 non-polymer 'MANGANESE (II) ION'
3 non-polymer '5-hydroxy-6-oxo-2-[(2S)-1-(phenoxyacetyl)pyrrolidin-2-yl]-1,6-dihydropyrimidine-4-carboxylic acid'
4 water water
#
_entity_poly.entity_id   1
_entity_poly.type   'polypeptide(L)'
_entity_poly.pdbx_seq_one_letter_code
;MEDFVRQCFNPMIVELAEKAMKEYGEDPKIETNKFAAICTHLEVCFMYSDGGSKHRFEIIEGRDRIMAWTVVNSICNTTG
VEKPKFLPDLYDYKENRFIEIGVTRREVHIYYLEKANKIKSEKTHIHIFSFTGEEMATKADYTLDEESRARIKTRLFTIR
QEMASRSLWDSFRQSERAAAELALVPR
;
_entity_poly.pdbx_strand_id   A
#
loop_
_chem_comp.id
_chem_comp.type
_chem_comp.name
_chem_comp.formula
G1K non-polymer '5-hydroxy-6-oxo-2-[(2S)-1-(phenoxyacetyl)pyrrolidin-2-yl]-1,6-dihydropyrimidine-4-carboxylic acid' 'C17 H17 N3 O6'
MN non-polymer 'MANGANESE (II) ION' 'Mn 2'
#
# COMPACT_ATOMS: atom_id res chain seq x y z
N MET A 1 10.58 -15.19 -9.42
CA MET A 1 9.96 -14.05 -8.77
C MET A 1 10.99 -12.97 -8.42
N GLU A 2 12.12 -13.41 -7.85
CA GLU A 2 13.22 -12.48 -7.59
C GLU A 2 13.62 -11.77 -8.88
N ASP A 3 14.08 -12.53 -9.87
CA ASP A 3 14.48 -11.97 -11.16
C ASP A 3 13.42 -11.03 -11.71
N PHE A 4 12.14 -11.39 -11.54
CA PHE A 4 11.07 -10.50 -11.96
C PHE A 4 11.03 -9.25 -11.09
N VAL A 5 11.12 -9.42 -9.77
CA VAL A 5 10.99 -8.28 -8.85
C VAL A 5 12.14 -7.30 -9.08
N ARG A 6 13.36 -7.81 -9.21
CA ARG A 6 14.51 -6.93 -9.43
C ARG A 6 14.35 -6.14 -10.72
N GLN A 7 13.79 -6.77 -11.76
CA GLN A 7 13.63 -6.10 -13.05
C GLN A 7 12.42 -5.17 -13.06
N CYS A 8 11.33 -5.58 -12.40
CA CYS A 8 10.08 -4.85 -12.50
C CYS A 8 10.04 -3.62 -11.60
N PHE A 9 10.67 -3.67 -10.43
CA PHE A 9 10.53 -2.62 -9.43
C PHE A 9 11.81 -1.79 -9.32
N ASN A 10 11.63 -0.56 -8.84
CA ASN A 10 12.75 0.34 -8.65
C ASN A 10 13.70 -0.23 -7.59
N PRO A 11 15.02 -0.06 -7.76
CA PRO A 11 15.96 -0.63 -6.78
C PRO A 11 15.77 -0.11 -5.36
N MET A 12 15.33 1.14 -5.17
CA MET A 12 15.03 1.61 -3.83
C MET A 12 13.88 0.82 -3.21
N ILE A 13 12.84 0.55 -4.01
CA ILE A 13 11.71 -0.22 -3.51
C ILE A 13 12.14 -1.65 -3.18
N VAL A 14 13.00 -2.23 -4.02
CA VAL A 14 13.49 -3.58 -3.76
C VAL A 14 14.31 -3.61 -2.47
N GLU A 15 15.11 -2.57 -2.24
CA GLU A 15 15.91 -2.51 -1.02
C GLU A 15 15.03 -2.40 0.22
N LEU A 16 13.97 -1.60 0.14
CA LEU A 16 13.06 -1.45 1.27
C LEU A 16 12.35 -2.76 1.59
N ALA A 17 11.91 -3.48 0.55
CA ALA A 17 11.20 -4.74 0.77
C ALA A 17 12.11 -5.80 1.36
N GLU A 18 13.38 -5.82 0.93
CA GLU A 18 14.33 -6.76 1.51
C GLU A 18 14.53 -6.50 3.00
N LYS A 19 14.63 -5.23 3.39
CA LYS A 19 14.81 -4.88 4.79
C LYS A 19 13.60 -5.30 5.62
N ALA A 20 12.39 -4.99 5.14
CA ALA A 20 11.18 -5.27 5.91
C ALA A 20 11.02 -6.76 6.17
N MET A 21 11.42 -7.60 5.22
CA MET A 21 11.26 -9.04 5.40
C MET A 21 12.34 -9.60 6.33
N LYS A 22 13.60 -9.21 6.12
CA LYS A 22 14.65 -9.63 7.03
C LYS A 22 14.38 -9.14 8.45
N GLU A 23 13.81 -7.94 8.57
CA GLU A 23 13.43 -7.41 9.88
C GLU A 23 12.40 -8.31 10.56
N TYR A 24 11.50 -8.91 9.78
CA TYR A 24 10.45 -9.77 10.30
C TYR A 24 10.82 -11.26 10.22
N GLY A 25 12.10 -11.57 10.06
CA GLY A 25 12.54 -12.95 10.10
C GLY A 25 12.24 -13.77 8.87
N GLU A 26 11.92 -13.13 7.74
CA GLU A 26 11.64 -13.84 6.51
C GLU A 26 12.67 -13.44 5.46
N ASP A 27 13.06 -14.41 4.63
CA ASP A 27 14.07 -14.17 3.62
C ASP A 27 13.43 -13.93 2.25
N PRO A 28 13.93 -12.92 1.52
CA PRO A 28 13.28 -12.56 0.25
C PRO A 28 13.24 -13.69 -0.76
N LYS A 29 14.20 -14.62 -0.72
CA LYS A 29 14.35 -15.60 -1.78
C LYS A 29 13.48 -16.84 -1.60
N ILE A 30 12.94 -17.10 -0.42
CA ILE A 30 12.07 -18.26 -0.22
C ILE A 30 10.62 -17.83 -0.35
N GLU A 31 10.18 -16.91 0.52
CA GLU A 31 8.82 -16.36 0.43
C GLU A 31 8.81 -15.26 -0.61
N THR A 32 8.99 -15.69 -1.87
CA THR A 32 9.08 -14.78 -2.99
C THR A 32 7.79 -13.99 -3.21
N ASN A 33 6.64 -14.60 -2.88
CA ASN A 33 5.36 -13.91 -3.07
C ASN A 33 5.22 -12.74 -2.12
N LYS A 34 5.69 -12.90 -0.87
CA LYS A 34 5.71 -11.78 0.07
C LYS A 34 6.63 -10.67 -0.44
N PHE A 35 7.76 -11.05 -1.04
CA PHE A 35 8.67 -10.06 -1.63
C PHE A 35 7.95 -9.20 -2.66
N ALA A 36 7.25 -9.84 -3.59
CA ALA A 36 6.55 -9.09 -4.63
C ALA A 36 5.39 -8.28 -4.03
N ALA A 37 4.70 -8.85 -3.03
CA ALA A 37 3.56 -8.15 -2.44
C ALA A 37 4.01 -6.90 -1.69
N ILE A 38 5.13 -6.98 -0.97
CA ILE A 38 5.63 -5.82 -0.25
C ILE A 38 6.09 -4.74 -1.22
N CYS A 39 6.80 -5.13 -2.27
CA CYS A 39 7.24 -4.18 -3.29
C CYS A 39 6.04 -3.46 -3.92
N THR A 40 4.98 -4.21 -4.23
CA THR A 40 3.83 -3.64 -4.90
C THR A 40 3.08 -2.67 -3.99
N HIS A 41 2.88 -3.07 -2.73
CA HIS A 41 2.21 -2.18 -1.77
C HIS A 41 3.00 -0.89 -1.57
N LEU A 42 4.33 -0.98 -1.50
CA LEU A 42 5.15 0.21 -1.37
C LEU A 42 5.00 1.13 -2.57
N GLU A 43 5.01 0.55 -3.78
CA GLU A 43 4.89 1.35 -4.99
C GLU A 43 3.56 2.10 -5.01
N VAL A 44 2.46 1.42 -4.66
CA VAL A 44 1.15 2.06 -4.65
C VAL A 44 1.14 3.24 -3.69
N CYS A 45 1.76 3.08 -2.51
CA CYS A 45 1.86 4.19 -1.57
C CYS A 45 2.60 5.38 -2.19
N PHE A 46 3.62 5.10 -2.99
CA PHE A 46 4.38 6.17 -3.63
C PHE A 46 3.56 6.86 -4.73
N MET A 47 2.72 6.11 -5.45
CA MET A 47 1.88 6.72 -6.47
C MET A 47 0.64 7.38 -5.90
N TYR A 48 0.34 7.19 -4.61
CA TYR A 48 -0.88 7.75 -4.02
C TYR A 48 -0.68 9.25 -3.81
N SER A 49 -0.82 9.99 -4.90
CA SER A 49 -0.74 11.43 -4.91
C SER A 49 -1.29 11.92 -6.24
N ASP A 50 -1.85 13.13 -6.24
CA ASP A 50 -2.33 13.74 -7.46
C ASP A 50 -1.20 14.25 -8.34
N GLY A 51 0.05 14.09 -7.91
CA GLY A 51 1.21 14.35 -8.74
C GLY A 51 1.53 15.80 -9.01
N GLY A 52 0.92 16.73 -8.30
CA GLY A 52 1.13 18.14 -8.57
C GLY A 52 1.18 18.97 -7.31
N SER A 53 2.00 20.02 -7.36
CA SER A 53 2.00 21.11 -6.38
C SER A 53 2.44 20.58 -5.02
N LYS A 54 1.59 20.64 -3.98
CA LYS A 54 2.04 20.51 -2.61
C LYS A 54 2.21 19.05 -2.19
N HIS A 55 2.86 18.89 -1.04
CA HIS A 55 3.06 17.59 -0.41
C HIS A 55 1.82 17.28 0.44
N ARG A 56 0.76 16.85 -0.25
CA ARG A 56 -0.52 16.64 0.42
C ARG A 56 -0.48 15.44 1.35
N PHE A 57 0.27 14.41 1.00
CA PHE A 57 0.26 13.15 1.73
C PHE A 57 1.61 12.90 2.40
N GLU A 58 1.58 12.65 3.71
CA GLU A 58 2.74 12.14 4.42
C GLU A 58 2.76 10.63 4.28
N ILE A 59 3.82 10.10 3.65
CA ILE A 59 3.94 8.66 3.45
C ILE A 59 4.54 8.06 4.72
N ILE A 60 3.73 7.31 5.46
CA ILE A 60 4.20 6.67 6.68
C ILE A 60 4.82 5.31 6.38
N GLU A 61 4.27 4.59 5.40
CA GLU A 61 4.78 3.29 5.01
C GLU A 61 6.21 3.41 4.49
N GLY A 62 6.96 2.31 4.58
CA GLY A 62 8.31 2.26 4.07
C GLY A 62 9.34 2.93 4.95
N ARG A 63 8.99 3.35 6.15
CA ARG A 63 9.91 3.97 7.08
C ARG A 63 10.04 3.11 8.33
N ASP A 64 11.15 3.31 9.04
CA ASP A 64 11.36 2.64 10.31
C ASP A 64 10.16 2.86 11.22
N ARG A 65 9.51 1.76 11.62
CA ARG A 65 8.20 1.86 12.25
C ARG A 65 8.27 2.54 13.62
N ILE A 66 9.41 2.48 14.29
CA ILE A 66 9.58 3.23 15.53
C ILE A 66 9.59 4.72 15.23
N MET A 67 10.36 5.13 14.23
CA MET A 67 10.42 6.55 13.87
C MET A 67 9.11 7.04 13.29
N ALA A 68 8.42 6.18 12.52
CA ALA A 68 7.17 6.59 11.89
C ALA A 68 6.10 6.91 12.92
N TRP A 69 6.20 6.32 14.12
CA TRP A 69 5.19 6.58 15.15
C TRP A 69 5.35 7.98 15.73
N THR A 70 6.59 8.45 15.86
CA THR A 70 6.82 9.81 16.32
C THR A 70 6.20 10.82 15.35
N VAL A 71 6.25 10.52 14.06
CA VAL A 71 5.63 11.38 13.06
C VAL A 71 4.11 11.37 13.22
N VAL A 72 3.54 10.19 13.46
CA VAL A 72 2.10 10.10 13.70
C VAL A 72 1.71 10.90 14.95
N ASN A 73 2.56 10.83 15.99
CA ASN A 73 2.30 11.60 17.20
C ASN A 73 2.30 13.10 16.91
N SER A 74 3.30 13.57 16.17
CA SER A 74 3.39 14.99 15.85
C SER A 74 2.17 15.47 15.07
N ILE A 75 1.68 14.65 14.14
CA ILE A 75 0.48 15.00 13.39
C ILE A 75 -0.71 15.09 14.34
N CYS A 76 -0.88 14.08 15.18
CA CYS A 76 -2.05 14.03 16.07
C CYS A 76 -2.04 15.18 17.06
N ASN A 77 -0.86 15.60 17.52
CA ASN A 77 -0.78 16.71 18.45
C ASN A 77 -1.15 18.02 17.78
N THR A 78 -0.63 18.25 16.56
CA THR A 78 -0.94 19.48 15.85
C THR A 78 -2.37 19.47 15.33
N THR A 79 -2.77 18.38 14.67
CA THR A 79 -4.08 18.33 14.03
C THR A 79 -5.20 18.13 15.02
N GLY A 80 -4.94 17.43 16.12
CA GLY A 80 -5.99 17.04 17.04
C GLY A 80 -6.71 15.76 16.68
N VAL A 81 -6.38 15.16 15.52
CA VAL A 81 -6.99 13.90 15.12
C VAL A 81 -6.65 12.81 16.13
N GLU A 82 -7.61 11.93 16.39
CA GLU A 82 -7.38 10.83 17.32
C GLU A 82 -6.27 9.92 16.80
N LYS A 83 -5.47 9.39 17.72
CA LYS A 83 -4.32 8.59 17.35
C LYS A 83 -4.77 7.22 16.88
N PRO A 84 -4.26 6.73 15.74
CA PRO A 84 -4.61 5.38 15.31
C PRO A 84 -3.92 4.33 16.16
N LYS A 85 -4.60 3.19 16.32
CA LYS A 85 -4.02 2.11 17.12
C LYS A 85 -3.01 1.29 16.33
N PHE A 86 -3.14 1.25 15.02
CA PHE A 86 -2.19 0.59 14.15
C PHE A 86 -1.58 1.61 13.20
N LEU A 87 -0.30 1.44 12.90
CA LEU A 87 0.41 2.39 12.06
C LEU A 87 -0.21 2.44 10.67
N PRO A 88 -0.80 3.56 10.27
CA PRO A 88 -1.41 3.65 8.95
C PRO A 88 -0.35 3.81 7.87
N ASP A 89 -0.81 3.93 6.63
CA ASP A 89 0.10 4.04 5.49
C ASP A 89 0.41 5.50 5.14
N LEU A 90 -0.61 6.37 5.11
CA LEU A 90 -0.43 7.76 4.76
C LEU A 90 -1.24 8.64 5.71
N TYR A 91 -0.94 9.94 5.68
CA TYR A 91 -1.78 10.96 6.29
C TYR A 91 -2.14 11.99 5.24
N ASP A 92 -3.44 12.26 5.10
CA ASP A 92 -3.94 13.26 4.16
C ASP A 92 -3.99 14.60 4.87
N TYR A 93 -3.12 15.54 4.47
CA TYR A 93 -3.10 16.86 5.09
C TYR A 93 -4.27 17.72 4.67
N LYS A 94 -4.88 17.45 3.51
CA LYS A 94 -6.03 18.24 3.07
C LYS A 94 -7.30 17.79 3.77
N GLU A 95 -7.59 16.49 3.75
CA GLU A 95 -8.76 15.95 4.42
C GLU A 95 -8.56 15.76 5.92
N ASN A 96 -7.31 15.84 6.40
CA ASN A 96 -6.96 15.68 7.80
C ASN A 96 -7.49 14.35 8.34
N ARG A 97 -6.92 13.27 7.80
CA ARG A 97 -7.24 11.92 8.21
C ARG A 97 -6.13 10.98 7.75
N PHE A 98 -5.95 9.89 8.49
CA PHE A 98 -4.99 8.87 8.09
C PHE A 98 -5.63 7.93 7.07
N ILE A 99 -4.77 7.30 6.27
CA ILE A 99 -5.20 6.39 5.22
C ILE A 99 -4.51 5.05 5.39
N GLU A 100 -5.27 3.97 5.24
CA GLU A 100 -4.73 2.62 5.14
C GLU A 100 -4.92 2.14 3.71
N ILE A 101 -3.81 1.85 3.04
CA ILE A 101 -3.81 1.39 1.66
C ILE A 101 -3.77 -0.12 1.64
N GLY A 102 -4.65 -0.74 0.87
CA GLY A 102 -4.66 -2.18 0.70
C GLY A 102 -4.47 -2.55 -0.75
N VAL A 103 -3.63 -3.55 -0.99
CA VAL A 103 -3.44 -4.15 -2.31
C VAL A 103 -3.67 -5.64 -2.16
N THR A 104 -4.66 -6.17 -2.90
CA THR A 104 -5.07 -7.55 -2.72
C THR A 104 -5.16 -8.26 -4.06
N ARG A 105 -4.77 -9.53 -4.05
CA ARG A 105 -5.06 -10.45 -5.14
C ARG A 105 -6.41 -11.13 -4.99
N ARG A 106 -7.06 -10.95 -3.84
CA ARG A 106 -8.42 -11.38 -3.63
C ARG A 106 -9.36 -10.24 -4.05
N GLU A 107 -10.59 -10.26 -3.54
CA GLU A 107 -11.59 -9.30 -3.96
C GLU A 107 -11.50 -8.04 -3.11
N VAL A 108 -11.81 -6.90 -3.73
CA VAL A 108 -11.65 -5.62 -3.06
C VAL A 108 -12.62 -5.50 -1.88
N HIS A 109 -13.82 -6.07 -2.01
CA HIS A 109 -14.80 -5.87 -0.95
C HIS A 109 -14.45 -6.70 0.27
N ILE A 110 -14.07 -7.97 0.08
CA ILE A 110 -13.73 -8.82 1.22
C ILE A 110 -12.45 -8.35 1.90
N TYR A 111 -11.53 -7.74 1.15
CA TYR A 111 -10.30 -7.25 1.74
C TYR A 111 -10.53 -5.96 2.52
N TYR A 112 -11.41 -5.09 2.00
CA TYR A 112 -11.80 -3.90 2.76
C TYR A 112 -12.42 -4.29 4.11
N LEU A 113 -13.30 -5.30 4.10
CA LEU A 113 -13.99 -5.69 5.32
C LEU A 113 -13.00 -6.18 6.38
N GLU A 114 -12.00 -6.95 5.98
CA GLU A 114 -10.97 -7.39 6.92
C GLU A 114 -10.21 -6.20 7.49
N LYS A 115 -9.87 -5.23 6.63
CA LYS A 115 -9.17 -4.04 7.11
C LYS A 115 -10.04 -3.24 8.07
N ALA A 116 -11.31 -3.05 7.72
CA ALA A 116 -12.21 -2.27 8.56
C ALA A 116 -12.37 -2.92 9.94
N ASN A 117 -12.46 -4.25 9.98
CA ASN A 117 -12.56 -4.94 11.26
C ASN A 117 -11.29 -4.75 12.09
N LYS A 118 -10.13 -4.85 11.44
CA LYS A 118 -8.87 -4.70 12.16
C LYS A 118 -8.64 -3.25 12.59
N ILE A 119 -9.00 -2.29 11.73
CA ILE A 119 -8.76 -0.88 12.03
C ILE A 119 -9.60 -0.45 13.23
N LYS A 120 -10.84 -0.96 13.33
CA LYS A 120 -11.75 -0.69 14.44
C LYS A 120 -12.18 0.78 14.49
N SER A 121 -11.24 1.70 14.29
CA SER A 121 -11.55 3.13 14.31
C SER A 121 -12.23 3.52 13.00
N GLU A 122 -13.31 4.28 13.11
CA GLU A 122 -14.00 4.79 11.94
C GLU A 122 -13.33 6.00 11.32
N LYS A 123 -12.26 6.52 11.95
CA LYS A 123 -11.65 7.74 11.47
C LYS A 123 -10.62 7.50 10.38
N THR A 124 -9.95 6.34 10.41
CA THR A 124 -8.90 6.05 9.43
C THR A 124 -9.53 5.63 8.11
N HIS A 125 -9.20 6.36 7.04
CA HIS A 125 -9.74 6.04 5.73
C HIS A 125 -9.07 4.80 5.16
N ILE A 126 -9.85 3.99 4.44
CA ILE A 126 -9.37 2.76 3.84
C ILE A 126 -9.56 2.85 2.34
N HIS A 127 -8.51 2.53 1.58
CA HIS A 127 -8.54 2.51 0.13
C HIS A 127 -7.89 1.23 -0.36
N ILE A 128 -8.68 0.38 -1.00
CA ILE A 128 -8.23 -0.93 -1.46
C ILE A 128 -8.08 -0.90 -2.98
N PHE A 129 -6.99 -1.46 -3.47
CA PHE A 129 -6.77 -1.65 -4.90
C PHE A 129 -6.56 -3.13 -5.19
N SER A 130 -6.94 -3.54 -6.41
CA SER A 130 -6.76 -4.90 -6.86
C SER A 130 -5.90 -4.92 -8.12
N PHE A 131 -5.51 -6.12 -8.54
CA PHE A 131 -4.78 -6.33 -9.78
C PHE A 131 -5.71 -6.48 -10.98
N THR A 132 -7.02 -6.38 -10.78
CA THR A 132 -7.99 -6.50 -11.85
C THR A 132 -8.62 -5.17 -12.24
N GLY A 133 -8.04 -4.05 -11.79
CA GLY A 133 -8.56 -2.75 -12.15
C GLY A 133 -9.73 -2.28 -11.32
N GLU A 134 -9.91 -2.83 -10.12
CA GLU A 134 -10.99 -2.42 -9.24
C GLU A 134 -10.43 -1.76 -7.98
N GLU A 135 -11.30 -1.01 -7.30
CA GLU A 135 -10.92 -0.32 -6.08
C GLU A 135 -12.14 -0.18 -5.19
N MET A 136 -11.89 -0.08 -3.88
CA MET A 136 -12.93 0.12 -2.89
C MET A 136 -12.41 1.05 -1.82
N ALA A 137 -13.19 2.08 -1.48
CA ALA A 137 -12.76 3.07 -0.51
C ALA A 137 -13.91 3.40 0.44
N THR A 138 -13.54 3.94 1.60
CA THR A 138 -14.52 4.25 2.64
C THR A 138 -15.50 5.31 2.15
N LYS A 139 -16.79 5.01 2.29
CA LYS A 139 -17.88 5.93 1.93
C LYS A 139 -17.80 6.38 0.46
N ALA A 140 -17.25 5.50 -0.39
CA ALA A 140 -17.05 5.78 -1.81
C ALA A 140 -16.21 7.04 -2.06
N ASP A 141 -15.40 7.43 -1.08
CA ASP A 141 -14.52 8.58 -1.19
C ASP A 141 -13.13 8.08 -1.58
N TYR A 142 -12.74 8.34 -2.83
CA TYR A 142 -11.51 7.81 -3.38
C TYR A 142 -10.33 8.78 -3.28
N THR A 143 -10.52 9.92 -2.62
CA THR A 143 -9.44 10.85 -2.28
C THR A 143 -8.79 11.49 -3.50
N LEU A 144 -8.18 10.70 -4.36
CA LEU A 144 -7.47 11.23 -5.52
C LEU A 144 -8.40 11.41 -6.71
N ASP A 145 -7.95 12.20 -7.67
CA ASP A 145 -8.70 12.30 -8.93
C ASP A 145 -8.57 10.98 -9.70
N GLU A 146 -9.42 10.82 -10.71
CA GLU A 146 -9.53 9.52 -11.37
C GLU A 146 -8.27 9.19 -12.17
N GLU A 147 -7.55 10.19 -12.66
CA GLU A 147 -6.35 9.91 -13.44
C GLU A 147 -5.23 9.37 -12.55
N SER A 148 -5.13 9.86 -11.32
CA SER A 148 -4.13 9.34 -10.40
C SER A 148 -4.44 7.89 -10.02
N ARG A 149 -5.71 7.58 -9.77
CA ARG A 149 -6.08 6.20 -9.47
C ARG A 149 -5.99 5.31 -10.70
N ALA A 150 -6.22 5.88 -11.89
CA ALA A 150 -6.08 5.09 -13.11
C ALA A 150 -4.64 4.65 -13.31
N ARG A 151 -3.68 5.52 -12.98
CA ARG A 151 -2.27 5.14 -13.06
C ARG A 151 -1.96 3.96 -12.15
N ILE A 152 -2.57 3.93 -10.96
CA ILE A 152 -2.30 2.86 -10.01
C ILE A 152 -2.94 1.55 -10.49
N LYS A 153 -4.20 1.62 -10.93
CA LYS A 153 -4.88 0.42 -11.42
C LYS A 153 -4.16 -0.16 -12.63
N THR A 154 -3.74 0.70 -13.57
CA THR A 154 -3.04 0.23 -14.75
C THR A 154 -1.69 -0.38 -14.39
N ARG A 155 -0.96 0.26 -13.46
CA ARG A 155 0.31 -0.29 -13.02
C ARG A 155 0.13 -1.66 -12.36
N LEU A 156 -0.89 -1.77 -11.50
CA LEU A 156 -1.17 -3.05 -10.85
C LEU A 156 -1.55 -4.10 -11.87
N PHE A 157 -2.43 -3.75 -12.82
CA PHE A 157 -2.80 -4.67 -13.88
C PHE A 157 -1.58 -5.04 -14.73
N THR A 158 -0.70 -4.06 -14.99
CA THR A 158 0.52 -4.35 -15.72
C THR A 158 1.40 -5.33 -14.95
N ILE A 159 1.54 -5.12 -13.64
CA ILE A 159 2.26 -6.08 -12.80
C ILE A 159 1.60 -7.46 -12.92
N ARG A 160 0.27 -7.50 -12.87
CA ARG A 160 -0.44 -8.76 -12.97
C ARG A 160 -0.17 -9.46 -14.31
N GLN A 161 -0.17 -8.70 -15.40
CA GLN A 161 0.05 -9.30 -16.71
C GLN A 161 1.50 -9.76 -16.88
N GLU A 162 2.45 -9.00 -16.35
CA GLU A 162 3.85 -9.40 -16.46
C GLU A 162 4.12 -10.67 -15.68
N MET A 163 3.49 -10.83 -14.50
CA MET A 163 3.62 -12.08 -13.75
C MET A 163 2.96 -13.23 -14.51
N ALA A 164 1.82 -12.97 -15.16
CA ALA A 164 1.06 -14.03 -15.80
C ALA A 164 1.82 -14.64 -16.96
N SER A 165 2.56 -13.83 -17.72
CA SER A 165 3.30 -14.35 -18.86
C SER A 165 4.45 -15.26 -18.42
N ARG A 166 5.01 -15.01 -17.24
CA ARG A 166 6.06 -15.86 -16.70
C ARG A 166 5.52 -16.99 -15.84
N SER A 167 4.22 -17.26 -15.91
CA SER A 167 3.54 -18.32 -15.14
C SER A 167 3.69 -18.10 -13.64
N LEU A 168 3.92 -16.86 -13.20
CA LEU A 168 4.09 -16.55 -11.79
C LEU A 168 2.81 -16.03 -11.15
N TRP A 169 1.79 -15.69 -11.93
CA TRP A 169 0.63 -15.00 -11.38
C TRP A 169 -0.20 -15.91 -10.49
N ASP A 170 -0.51 -17.12 -10.97
CA ASP A 170 -1.43 -17.99 -10.25
C ASP A 170 -0.91 -18.34 -8.87
N SER A 171 0.40 -18.61 -8.75
CA SER A 171 0.98 -18.84 -7.44
C SER A 171 0.95 -17.58 -6.58
N PHE A 172 1.19 -16.43 -7.19
CA PHE A 172 1.12 -15.17 -6.46
C PHE A 172 -0.29 -14.90 -5.98
N ARG A 173 -1.30 -15.24 -6.79
CA ARG A 173 -2.68 -15.04 -6.39
C ARG A 173 -3.07 -15.97 -5.24
N GLN A 174 -2.57 -17.21 -5.27
CA GLN A 174 -2.94 -18.19 -4.26
C GLN A 174 -2.21 -18.02 -2.94
N SER A 175 -1.09 -17.29 -2.93
CA SER A 175 -0.32 -17.14 -1.70
C SER A 175 -1.08 -16.35 -0.65
N GLU A 176 -1.97 -15.46 -1.07
CA GLU A 176 -2.75 -14.66 -0.13
C GLU A 176 -3.75 -15.53 0.63
MN MN B . -1.38 -0.89 3.84
MN MN C . 1.30 0.09 6.18
C1 G1K D . 1.10 -2.44 7.18
C10 G1K D . 3.15 -6.19 8.17
C11 G1K D . 4.56 -5.89 8.65
C12 G1K D . 5.86 -7.38 7.32
C13 G1K D . 6.87 -7.61 6.39
C14 G1K D . 7.23 -8.91 6.09
C15 G1K D . 6.61 -9.97 6.70
C16 G1K D . 5.62 -9.74 7.62
C17 G1K D . 5.24 -8.46 7.95
C2 G1K D . 0.29 -2.60 6.07
C3 G1K D . -0.32 -3.80 5.85
C4 G1K D . -1.22 -4.01 4.64
C5 G1K D . 0.59 -4.71 7.75
C6 G1K D . 0.75 -5.90 8.67
C7 G1K D . 0.06 -5.73 10.03
C8 G1K D . 0.92 -6.57 10.97
C9 G1K D . 2.31 -6.18 10.52
N1 G1K D . -0.18 -4.85 6.68
N2 G1K D . 2.16 -6.11 9.07
N3 G1K D . 1.24 -3.52 8.02
O1 G1K D . 1.69 -1.38 7.46
O2 G1K D . 0.17 -1.54 5.26
O3 G1K D . -1.69 -5.15 4.48
O4 G1K D . -1.41 -3.03 3.90
O5 G1K D . 5.52 -6.10 7.63
O6 G1K D . 2.94 -6.50 7.01
#